data_5QGZ
#
_entry.id   5QGZ
#
_cell.length_a   123.957
_cell.length_b   123.957
_cell.length_c   40.872
_cell.angle_alpha   90.000
_cell.angle_beta   90.000
_cell.angle_gamma   120.000
#
_symmetry.space_group_name_H-M   'P 3 2 1'
#
loop_
_entity.id
_entity.type
_entity.pdbx_description
1 polymer 'Peroxisomal coenzyme A diphosphatase NUDT7'
2 non-polymer 'ACETATE ION'
3 non-polymer 'DIMETHYL SULFOXIDE'
4 non-polymer N-(3-chlorophenyl)-2-(4-fluorophenyl)acetamide
5 water water
#
_entity_poly.entity_id   1
_entity_poly.type   'polypeptide(L)'
_entity_poly.pdbx_seq_one_letter_code
;SMLDDAKARLRKYDIGGKYSHLPYNKYSVLLPLVAKEGKLHLLFTVRSEKLRRAPGEVCFPGGKRDPTDMDDAATALREA
QEEVGLR(HYP)HQVEVV(CSO)CLVPCLIDTDTLITPFVGLIDHNFQAQPNPAEVKDVFLVPLAYFLHPQVHDQHYVTR
LGHRFINHIFEYTNPEDGVTYQIKGMTANLAVLVAFIILEKKPT
;
_entity_poly.pdbx_strand_id   A
#
# COMPACT_ATOMS: atom_id res chain seq x y z
N SER A 1 17.36 -7.43 -13.60
CA SER A 1 15.93 -7.78 -13.83
C SER A 1 15.03 -6.69 -13.26
N MET A 2 13.76 -6.70 -13.70
CA MET A 2 12.75 -5.73 -13.27
C MET A 2 12.63 -5.74 -11.75
N LEU A 3 12.58 -6.93 -11.16
CA LEU A 3 12.33 -7.02 -9.73
C LEU A 3 13.56 -6.68 -8.91
N ASP A 4 14.73 -7.09 -9.39
CA ASP A 4 15.98 -6.73 -8.73
C ASP A 4 16.23 -5.22 -8.82
N ASP A 5 15.86 -4.63 -9.95
CA ASP A 5 15.97 -3.20 -10.16
C ASP A 5 15.03 -2.44 -9.20
N ALA A 6 13.80 -2.92 -9.04
CA ALA A 6 12.83 -2.29 -8.14
C ALA A 6 13.30 -2.32 -6.68
N LYS A 7 13.76 -3.50 -6.24
CA LYS A 7 14.28 -3.64 -4.87
C LYS A 7 15.50 -2.76 -4.63
N ALA A 8 16.42 -2.71 -5.60
CA ALA A 8 17.60 -1.86 -5.47
C ALA A 8 17.20 -0.38 -5.31
N ARG A 9 16.19 0.06 -6.08
CA ARG A 9 15.73 1.44 -6.00
C ARG A 9 15.11 1.68 -4.63
N LEU A 10 14.21 0.78 -4.23
CA LEU A 10 13.53 0.92 -2.95
C LEU A 10 14.46 0.99 -1.76
N ARG A 11 15.51 0.20 -1.77
CA ARG A 11 16.45 0.15 -0.63
C ARG A 11 17.13 1.49 -0.35
N LYS A 12 17.31 2.29 -1.39
CA LYS A 12 17.89 3.63 -1.25
C LYS A 12 17.03 4.62 -0.45
N TYR A 13 15.72 4.35 -0.32
CA TYR A 13 14.80 5.18 0.41
C TYR A 13 14.40 4.61 1.77
N ASP A 14 14.98 3.48 2.15
CA ASP A 14 14.64 2.77 3.39
C ASP A 14 15.09 3.65 4.55
N ILE A 15 14.17 3.99 5.43
CA ILE A 15 14.58 4.67 6.66
C ILE A 15 14.86 3.67 7.79
N GLY A 16 14.46 2.41 7.60
CA GLY A 16 14.65 1.38 8.63
C GLY A 16 13.81 1.67 9.87
N GLY A 17 14.40 1.39 11.04
CA GLY A 17 13.71 1.52 12.34
C GLY A 17 13.93 2.85 13.06
N LYS A 18 14.49 3.81 12.34
CA LYS A 18 14.84 5.14 12.85
C LYS A 18 13.72 5.80 13.71
N TYR A 19 12.49 5.82 13.22
CA TYR A 19 11.35 6.46 13.89
C TYR A 19 10.45 5.45 14.66
N SER A 20 10.85 4.18 14.68
CA SER A 20 9.94 3.13 15.15
C SER A 20 9.69 3.06 16.66
N HIS A 21 10.58 3.60 17.50
N HIS A 21 10.62 3.57 17.48
CA HIS A 21 10.37 3.51 18.95
CA HIS A 21 10.45 3.52 18.94
C HIS A 21 9.65 4.72 19.52
C HIS A 21 9.76 4.75 19.54
N LEU A 22 9.48 5.77 18.72
CA LEU A 22 8.82 6.99 19.21
C LEU A 22 7.42 6.70 19.75
N PRO A 23 7.01 7.36 20.84
CA PRO A 23 5.83 6.95 21.59
C PRO A 23 4.47 7.39 21.00
N TYR A 24 4.19 6.95 19.78
CA TYR A 24 2.97 7.27 19.12
C TYR A 24 1.94 6.14 19.23
N ASN A 25 0.70 6.46 18.88
CA ASN A 25 -0.27 5.42 18.48
C ASN A 25 0.23 4.94 17.12
N LYS A 26 0.52 3.65 16.98
CA LYS A 26 1.30 3.15 15.84
C LYS A 26 0.43 2.25 14.95
N TYR A 27 0.46 2.57 13.67
CA TYR A 27 -0.18 1.76 12.60
C TYR A 27 0.84 1.49 11.53
N SER A 28 0.72 0.35 10.84
CA SER A 28 1.55 0.08 9.68
C SER A 28 0.66 -0.23 8.48
N VAL A 29 1.16 0.09 7.29
CA VAL A 29 0.52 -0.33 6.04
C VAL A 29 1.53 -1.06 5.19
N LEU A 30 1.01 -1.99 4.38
CA LEU A 30 1.79 -2.69 3.40
C LEU A 30 1.45 -2.19 2.01
N LEU A 31 2.46 -1.74 1.28
CA LEU A 31 2.33 -1.32 -0.10
C LEU A 31 2.74 -2.56 -0.94
N PRO A 32 1.77 -3.35 -1.44
CA PRO A 32 2.10 -4.65 -2.01
C PRO A 32 2.31 -4.53 -3.52
N LEU A 33 3.53 -4.83 -3.94
CA LEU A 33 3.91 -4.78 -5.36
C LEU A 33 3.74 -6.16 -5.98
N VAL A 34 2.99 -6.21 -7.05
CA VAL A 34 2.63 -7.43 -7.77
C VAL A 34 3.14 -7.24 -9.20
N ALA A 35 3.88 -8.23 -9.71
CA ALA A 35 4.30 -8.19 -11.11
C ALA A 35 3.34 -9.02 -11.94
N LYS A 36 2.69 -8.40 -12.93
CA LYS A 36 1.74 -9.09 -13.85
C LYS A 36 1.96 -8.53 -15.23
N GLU A 37 1.88 -9.39 -16.26
CA GLU A 37 1.94 -8.92 -17.64
C GLU A 37 3.13 -8.03 -17.91
N GLY A 38 4.25 -8.35 -17.28
CA GLY A 38 5.49 -7.70 -17.48
C GLY A 38 5.59 -6.31 -16.88
N LYS A 39 4.68 -5.95 -15.97
CA LYS A 39 4.66 -4.59 -15.35
C LYS A 39 4.42 -4.73 -13.86
N LEU A 40 4.88 -3.75 -13.08
CA LEU A 40 4.55 -3.74 -11.66
C LEU A 40 3.20 -3.08 -11.40
N HIS A 41 2.50 -3.60 -10.38
CA HIS A 41 1.20 -3.12 -9.96
C HIS A 41 1.24 -2.95 -8.45
N LEU A 42 0.40 -2.07 -7.93
CA LEU A 42 0.11 -2.02 -6.52
C LEU A 42 -1.24 -2.64 -6.25
N LEU A 43 -1.34 -3.34 -5.12
CA LEU A 43 -2.56 -3.95 -4.66
C LEU A 43 -3.21 -3.04 -3.63
N PHE A 44 -4.50 -2.77 -3.85
CA PHE A 44 -5.31 -1.93 -2.98
C PHE A 44 -6.49 -2.73 -2.47
N THR A 45 -7.02 -2.27 -1.34
CA THR A 45 -8.30 -2.80 -0.81
C THR A 45 -9.35 -1.71 -0.85
N VAL A 46 -10.60 -2.12 -0.91
CA VAL A 46 -11.72 -1.26 -0.60
C VAL A 46 -12.24 -1.73 0.76
N ARG A 47 -12.29 -0.80 1.71
CA ARG A 47 -12.73 -1.12 3.08
C ARG A 47 -14.20 -1.45 3.09
N SER A 48 -14.57 -2.39 3.93
CA SER A 48 -15.97 -2.79 4.06
C SER A 48 -16.82 -1.59 4.45
N GLU A 49 -18.05 -1.53 3.93
CA GLU A 49 -19.01 -0.46 4.30
C GLU A 49 -19.42 -0.51 5.78
N LYS A 50 -19.27 -1.67 6.42
CA LYS A 50 -19.60 -1.87 7.85
C LYS A 50 -18.56 -1.33 8.85
N LEU A 51 -17.36 -0.98 8.39
CA LEU A 51 -16.35 -0.39 9.29
C LEU A 51 -16.75 1.06 9.56
N ARG A 52 -16.63 1.50 10.81
CA ARG A 52 -17.07 2.85 11.18
C ARG A 52 -16.05 3.93 10.79
N ARG A 53 -14.76 3.58 10.76
CA ARG A 53 -13.72 4.45 10.20
C ARG A 53 -13.57 4.21 8.69
N ALA A 54 -14.01 5.17 7.89
CA ALA A 54 -13.74 5.23 6.43
C ALA A 54 -14.34 4.06 5.62
N PRO A 55 -15.66 3.82 5.76
CA PRO A 55 -16.30 2.73 5.03
C PRO A 55 -16.23 2.97 3.54
N GLY A 56 -15.90 1.93 2.78
CA GLY A 56 -15.87 2.03 1.33
C GLY A 56 -14.71 2.81 0.71
N GLU A 57 -13.72 3.22 1.51
CA GLU A 57 -12.54 3.95 1.00
C GLU A 57 -11.51 2.96 0.49
N VAL A 58 -10.72 3.39 -0.49
CA VAL A 58 -9.59 2.63 -1.01
C VAL A 58 -8.43 2.85 -0.05
N CYS A 59 -7.78 1.78 0.38
N CYS A 59 -7.78 1.76 0.36
CA CYS A 59 -6.62 1.91 1.23
CA CYS A 59 -6.70 1.80 1.32
C CYS A 59 -5.74 0.69 1.07
C CYS A 59 -5.72 0.70 1.00
N PHE A 60 -4.49 0.83 1.48
CA PHE A 60 -3.57 -0.28 1.50
C PHE A 60 -3.92 -1.19 2.68
N PRO A 61 -3.58 -2.49 2.59
CA PRO A 61 -3.74 -3.33 3.77
C PRO A 61 -2.90 -2.81 4.95
N GLY A 62 -3.41 -2.97 6.15
CA GLY A 62 -2.67 -2.51 7.33
C GLY A 62 -3.60 -2.31 8.51
N GLY A 63 -3.03 -1.76 9.58
CA GLY A 63 -3.78 -1.59 10.79
C GLY A 63 -2.91 -1.26 11.97
N LYS A 64 -3.52 -1.32 13.15
CA LYS A 64 -2.85 -0.89 14.40
C LYS A 64 -1.89 -1.94 14.92
N ARG A 65 -0.72 -1.52 15.37
CA ARG A 65 0.21 -2.41 16.01
C ARG A 65 -0.47 -3.01 17.25
N ASP A 66 -0.14 -4.26 17.49
CA ASP A 66 -0.56 -4.93 18.75
C ASP A 66 0.61 -5.54 19.46
N PRO A 67 0.39 -6.02 20.71
CA PRO A 67 1.56 -6.47 21.44
C PRO A 67 2.31 -7.63 20.90
N THR A 68 1.67 -8.44 20.05
CA THR A 68 2.34 -9.62 19.49
C THR A 68 3.43 -9.26 18.46
N ASP A 69 3.29 -8.09 17.82
CA ASP A 69 4.18 -7.73 16.72
C ASP A 69 5.62 -7.52 17.18
N MET A 70 6.56 -8.25 16.59
CA MET A 70 7.97 -8.05 16.89
C MET A 70 8.45 -6.65 16.53
N ASP A 71 7.88 -6.11 15.46
CA ASP A 71 8.25 -4.80 14.94
C ASP A 71 7.12 -4.26 14.03
N ASP A 72 7.33 -3.08 13.43
CA ASP A 72 6.31 -2.44 12.65
C ASP A 72 6.01 -3.20 11.36
N ALA A 73 7.02 -3.85 10.81
CA ALA A 73 6.82 -4.66 9.59
C ALA A 73 5.85 -5.82 9.90
N ALA A 74 6.05 -6.42 11.06
CA ALA A 74 5.12 -7.49 11.50
C ALA A 74 3.69 -7.05 11.57
N THR A 75 3.42 -5.82 12.06
CA THR A 75 2.09 -5.28 12.03
C THR A 75 1.47 -5.31 10.63
N ALA A 76 2.23 -4.80 9.66
CA ALA A 76 1.77 -4.74 8.29
C ALA A 76 1.42 -6.14 7.74
N LEU A 77 2.29 -7.10 8.02
CA LEU A 77 2.12 -8.46 7.53
C LEU A 77 0.96 -9.17 8.21
N ARG A 78 0.83 -8.98 9.51
CA ARG A 78 -0.32 -9.57 10.26
C ARG A 78 -1.64 -9.06 9.75
N GLU A 79 -1.75 -7.75 9.57
CA GLU A 79 -2.97 -7.16 9.08
C GLU A 79 -3.27 -7.55 7.62
N ALA A 80 -2.25 -7.61 6.77
CA ALA A 80 -2.44 -8.02 5.40
C ALA A 80 -2.97 -9.47 5.35
N GLN A 81 -2.45 -10.33 6.19
CA GLN A 81 -2.93 -11.73 6.27
C GLN A 81 -4.41 -11.76 6.65
N GLU A 82 -4.76 -11.02 7.71
CA GLU A 82 -6.16 -10.94 8.16
C GLU A 82 -7.11 -10.39 7.08
N GLU A 83 -6.67 -9.37 6.35
CA GLU A 83 -7.51 -8.67 5.40
C GLU A 83 -7.65 -9.37 4.06
N VAL A 84 -6.55 -9.89 3.52
CA VAL A 84 -6.57 -10.44 2.14
C VAL A 84 -5.95 -11.84 1.99
N GLY A 85 -5.58 -12.46 3.10
CA GLY A 85 -5.02 -13.82 3.13
C GLY A 85 -3.58 -13.96 2.74
N LEU A 86 -2.88 -12.83 2.62
CA LEU A 86 -1.45 -12.88 2.30
C LEU A 86 -0.64 -13.52 3.41
N ARG A 87 0.02 -14.63 3.12
CA ARG A 87 0.82 -15.36 4.10
C ARG A 87 2.29 -14.86 4.10
N HIS A 89 5.24 -16.16 3.88
CA HIS A 89 6.11 -16.69 2.83
C HIS A 89 5.83 -16.08 1.46
N GLN A 90 4.71 -15.38 1.32
CA GLN A 90 4.27 -14.81 0.04
C GLN A 90 4.66 -13.36 -0.13
N VAL A 91 5.39 -12.81 0.83
CA VAL A 91 5.80 -11.42 0.79
C VAL A 91 7.23 -11.23 1.26
N GLU A 92 7.98 -10.44 0.51
CA GLU A 92 9.32 -10.03 0.87
C GLU A 92 9.23 -8.53 1.18
N VAL A 93 9.40 -8.17 2.45
CA VAL A 93 9.40 -6.76 2.85
C VAL A 93 10.78 -6.19 2.48
N VAL A 94 10.76 -5.18 1.62
CA VAL A 94 11.98 -4.66 1.00
C VAL A 94 12.45 -3.42 1.76
N CYS A 96 11.15 0.20 4.48
CA CYS A 96 10.27 1.03 5.20
C CYS A 96 10.41 2.47 4.65
N LEU A 97 9.33 3.03 4.14
CA LEU A 97 9.32 4.37 3.58
C LEU A 97 9.02 5.36 4.68
N VAL A 98 9.13 6.64 4.32
CA VAL A 98 8.86 7.71 5.28
C VAL A 98 7.52 7.55 5.97
N PRO A 99 7.52 7.60 7.31
CA PRO A 99 6.24 7.51 8.01
C PRO A 99 5.38 8.74 7.88
N CYS A 100 4.09 8.56 8.08
N CYS A 100 4.07 8.54 8.03
CA CYS A 100 3.05 9.56 7.89
CA CYS A 100 3.05 9.59 7.92
C CYS A 100 2.57 9.97 9.30
C CYS A 100 2.62 9.96 9.33
N LEU A 101 2.68 11.24 9.67
CA LEU A 101 2.16 11.74 10.96
C LEU A 101 0.75 12.22 10.80
N ILE A 102 -0.17 11.75 11.63
CA ILE A 102 -1.54 12.28 11.61
C ILE A 102 -2.10 12.50 13.01
N ASP A 103 -3.03 13.44 13.12
CA ASP A 103 -3.80 13.70 14.34
C ASP A 103 -3.00 14.06 15.58
N THR A 104 -1.75 14.48 15.39
CA THR A 104 -0.83 14.88 16.45
C THR A 104 -0.28 13.74 17.31
N ASP A 105 -0.93 12.55 17.30
CA ASP A 105 -0.53 11.48 18.20
C ASP A 105 -0.36 10.12 17.50
N THR A 106 -0.29 10.11 16.18
CA THR A 106 -0.35 8.86 15.43
C THR A 106 0.74 8.87 14.36
N LEU A 107 1.39 7.72 14.21
CA LEU A 107 2.43 7.56 13.23
C LEU A 107 2.13 6.29 12.44
N ILE A 108 2.02 6.45 11.14
CA ILE A 108 1.72 5.33 10.23
C ILE A 108 3.00 5.01 9.45
N THR A 109 3.49 3.78 9.56
CA THR A 109 4.73 3.38 8.93
C THR A 109 4.39 2.51 7.71
N PRO A 110 4.79 2.94 6.49
CA PRO A 110 4.53 2.15 5.26
C PRO A 110 5.72 1.27 4.91
N PHE A 111 5.43 0.00 4.60
CA PHE A 111 6.43 -0.94 4.16
C PHE A 111 6.11 -1.37 2.75
N VAL A 112 7.11 -1.45 1.89
CA VAL A 112 6.88 -1.95 0.55
C VAL A 112 7.25 -3.44 0.57
N GLY A 113 6.34 -4.25 0.01
CA GLY A 113 6.54 -5.69 -0.05
C GLY A 113 6.39 -6.19 -1.47
N LEU A 114 7.26 -7.09 -1.88
CA LEU A 114 7.14 -7.78 -3.16
C LEU A 114 6.31 -9.03 -2.92
N ILE A 115 5.27 -9.20 -3.72
CA ILE A 115 4.25 -10.23 -3.52
C ILE A 115 4.52 -11.37 -4.48
N ASP A 116 4.44 -12.58 -3.97
CA ASP A 116 4.63 -13.78 -4.79
C ASP A 116 3.66 -13.87 -5.94
N HIS A 117 4.15 -14.32 -7.09
CA HIS A 117 3.25 -14.47 -8.24
C HIS A 117 2.13 -15.51 -8.08
N ASN A 118 2.20 -16.44 -7.13
CA ASN A 118 1.10 -17.39 -6.93
C ASN A 118 0.11 -16.97 -5.84
N PHE A 119 0.31 -15.76 -5.29
CA PHE A 119 -0.69 -15.25 -4.35
C PHE A 119 -1.99 -14.91 -5.06
N GLN A 120 -3.10 -15.33 -4.47
CA GLN A 120 -4.41 -14.88 -4.95
C GLN A 120 -5.20 -14.40 -3.76
N ALA A 121 -5.68 -13.18 -3.85
CA ALA A 121 -6.33 -12.53 -2.72
C ALA A 121 -7.58 -13.29 -2.37
N GLN A 122 -7.76 -13.44 -1.07
CA GLN A 122 -8.97 -13.97 -0.50
C GLN A 122 -9.57 -12.85 0.38
N PRO A 123 -10.33 -11.91 -0.22
CA PRO A 123 -10.85 -10.80 0.59
C PRO A 123 -11.66 -11.30 1.80
N ASN A 124 -11.31 -10.83 3.00
CA ASN A 124 -12.08 -11.10 4.20
C ASN A 124 -13.25 -10.11 4.29
N PRO A 125 -14.50 -10.56 4.02
CA PRO A 125 -15.59 -9.60 3.83
C PRO A 125 -15.99 -8.79 5.07
N ALA A 126 -15.58 -9.22 6.26
CA ALA A 126 -15.78 -8.41 7.47
C ALA A 126 -14.91 -7.14 7.46
N GLU A 127 -13.89 -7.12 6.62
CA GLU A 127 -12.97 -5.97 6.57
C GLU A 127 -12.80 -5.34 5.22
N VAL A 128 -12.91 -6.15 4.17
CA VAL A 128 -12.56 -5.74 2.83
C VAL A 128 -13.71 -6.08 1.90
N LYS A 129 -14.21 -5.06 1.21
CA LYS A 129 -15.27 -5.23 0.19
C LYS A 129 -14.70 -5.66 -1.16
N ASP A 130 -13.45 -5.29 -1.44
CA ASP A 130 -12.88 -5.55 -2.76
C ASP A 130 -11.36 -5.43 -2.64
N VAL A 131 -10.68 -6.07 -3.57
CA VAL A 131 -9.22 -5.99 -3.73
C VAL A 131 -8.98 -5.78 -5.21
N PHE A 132 -8.08 -4.89 -5.58
CA PHE A 132 -7.81 -4.64 -6.97
C PHE A 132 -6.38 -4.17 -7.18
N LEU A 133 -5.90 -4.35 -8.40
CA LEU A 133 -4.57 -3.92 -8.80
C LEU A 133 -4.64 -2.67 -9.64
N VAL A 134 -3.61 -1.81 -9.49
CA VAL A 134 -3.41 -0.70 -10.40
C VAL A 134 -1.98 -0.73 -10.89
N PRO A 135 -1.77 -0.58 -12.23
CA PRO A 135 -0.38 -0.54 -12.66
C PRO A 135 0.33 0.66 -12.02
N LEU A 136 1.55 0.41 -11.58
CA LEU A 136 2.33 1.44 -10.93
C LEU A 136 2.49 2.66 -11.83
N ALA A 137 2.64 2.44 -13.14
CA ALA A 137 2.82 3.57 -14.05
C ALA A 137 1.62 4.51 -14.14
N TYR A 138 0.43 4.04 -13.78
CA TYR A 138 -0.75 4.89 -13.74
C TYR A 138 -0.50 6.15 -12.90
N PHE A 139 0.25 5.97 -11.82
CA PHE A 139 0.44 7.07 -10.86
C PHE A 139 1.36 8.19 -11.36
N LEU A 140 2.03 7.94 -12.49
CA LEU A 140 2.76 8.98 -13.21
C LEU A 140 1.85 9.86 -14.07
N HIS A 141 0.72 9.32 -14.52
CA HIS A 141 -0.24 10.05 -15.36
C HIS A 141 -1.66 9.72 -14.95
N PRO A 142 -2.01 10.07 -13.71
CA PRO A 142 -3.32 9.72 -13.18
C PRO A 142 -4.42 10.57 -13.78
N GLN A 143 -5.65 10.10 -13.66
CA GLN A 143 -6.83 10.87 -14.03
C GLN A 143 -7.30 11.56 -12.75
N VAL A 144 -7.13 12.88 -12.69
CA VAL A 144 -7.32 13.65 -11.47
C VAL A 144 -8.67 14.33 -11.54
N HIS A 145 -9.38 14.27 -10.42
CA HIS A 145 -10.65 14.99 -10.22
C HIS A 145 -10.51 15.77 -8.92
N ASP A 146 -11.04 16.99 -8.91
CA ASP A 146 -10.94 17.87 -7.74
C ASP A 146 -12.28 17.89 -7.03
N GLN A 147 -12.29 17.51 -5.75
CA GLN A 147 -13.53 17.46 -4.94
C GLN A 147 -13.58 18.65 -3.99
N ILE A 158 -10.19 22.51 -1.68
CA ILE A 158 -10.50 21.50 -2.68
C ILE A 158 -9.28 20.59 -2.91
N ASN A 159 -9.48 19.26 -2.84
CA ASN A 159 -8.38 18.26 -2.86
C ASN A 159 -8.43 17.28 -4.05
N HIS A 160 -7.25 16.82 -4.46
CA HIS A 160 -7.08 15.99 -5.67
C HIS A 160 -7.42 14.50 -5.41
N ILE A 161 -8.26 13.94 -6.28
CA ILE A 161 -8.72 12.54 -6.21
C ILE A 161 -8.32 11.87 -7.51
N PHE A 162 -7.73 10.66 -7.44
CA PHE A 162 -7.43 9.88 -8.63
C PHE A 162 -8.61 8.99 -8.93
N GLU A 163 -9.00 8.88 -10.21
CA GLU A 163 -9.97 7.89 -10.66
C GLU A 163 -9.29 6.87 -11.56
N TYR A 164 -9.33 5.62 -11.15
CA TYR A 164 -8.73 4.56 -11.93
C TYR A 164 -9.86 3.64 -12.38
N THR A 165 -9.91 3.40 -13.68
CA THR A 165 -10.87 2.45 -14.25
C THR A 165 -10.18 1.16 -14.66
N ASN A 166 -10.61 0.05 -14.08
CA ASN A 166 -10.04 -1.24 -14.41
C ASN A 166 -10.50 -1.65 -15.82
N PRO A 167 -9.57 -1.81 -16.79
CA PRO A 167 -9.99 -2.16 -18.16
C PRO A 167 -10.58 -3.57 -18.30
N GLU A 168 -10.37 -4.42 -17.30
CA GLU A 168 -10.93 -5.76 -17.29
C GLU A 168 -12.44 -5.74 -17.19
N ASP A 169 -12.97 -4.82 -16.39
CA ASP A 169 -14.39 -4.76 -16.08
C ASP A 169 -15.08 -3.38 -16.11
N GLY A 170 -14.34 -2.32 -16.40
CA GLY A 170 -14.92 -0.97 -16.42
C GLY A 170 -15.24 -0.31 -15.09
N VAL A 171 -14.85 -0.94 -13.97
CA VAL A 171 -15.15 -0.40 -12.65
C VAL A 171 -14.17 0.72 -12.34
N THR A 172 -14.70 1.84 -11.89
CA THR A 172 -13.88 2.98 -11.48
C THR A 172 -13.73 3.04 -9.96
N TYR A 173 -12.49 3.24 -9.51
CA TYR A 173 -12.17 3.37 -8.09
C TYR A 173 -11.61 4.76 -7.88
N GLN A 174 -11.93 5.35 -6.73
CA GLN A 174 -11.39 6.63 -6.30
C GLN A 174 -10.28 6.37 -5.31
N ILE A 175 -9.12 6.96 -5.55
CA ILE A 175 -7.98 6.77 -4.67
C ILE A 175 -7.56 8.17 -4.21
N LYS A 176 -7.44 8.35 -2.90
CA LYS A 176 -7.15 9.69 -2.41
C LYS A 176 -6.32 9.68 -1.16
N GLY A 177 -5.97 10.89 -0.71
CA GLY A 177 -5.32 11.03 0.58
C GLY A 177 -3.97 10.35 0.69
N MET A 178 -3.67 9.83 1.89
CA MET A 178 -2.38 9.19 2.17
C MET A 178 -2.14 8.08 1.17
N THR A 179 -3.19 7.34 0.86
CA THR A 179 -3.08 6.16 -0.03
C THR A 179 -2.62 6.61 -1.42
N ALA A 180 -3.25 7.65 -1.96
CA ALA A 180 -2.80 8.22 -3.26
C ALA A 180 -1.39 8.77 -3.19
N ASN A 181 -1.09 9.46 -2.09
CA ASN A 181 0.24 10.02 -1.95
C ASN A 181 1.32 8.96 -1.94
N LEU A 182 1.10 7.88 -1.20
CA LEU A 182 2.08 6.81 -1.11
C LEU A 182 2.25 6.09 -2.45
N ALA A 183 1.15 5.93 -3.17
CA ALA A 183 1.23 5.28 -4.48
C ALA A 183 2.12 6.05 -5.45
N VAL A 184 1.98 7.37 -5.45
CA VAL A 184 2.81 8.23 -6.29
C VAL A 184 4.26 8.13 -5.88
N LEU A 185 4.52 8.15 -4.58
CA LEU A 185 5.88 8.03 -4.10
C LEU A 185 6.57 6.75 -4.60
N VAL A 186 5.89 5.61 -4.44
CA VAL A 186 6.44 4.35 -4.89
C VAL A 186 6.67 4.34 -6.41
N ALA A 187 5.72 4.88 -7.16
CA ALA A 187 5.87 4.98 -8.62
C ALA A 187 7.11 5.82 -8.97
N PHE A 188 7.28 6.97 -8.32
CA PHE A 188 8.48 7.78 -8.58
C PHE A 188 9.77 7.03 -8.28
N ILE A 189 9.83 6.38 -7.10
CA ILE A 189 11.01 5.69 -6.68
C ILE A 189 11.41 4.63 -7.70
N ILE A 190 10.42 3.85 -8.14
CA ILE A 190 10.73 2.67 -8.95
C ILE A 190 10.86 2.98 -10.43
N LEU A 191 10.07 3.92 -10.92
CA LEU A 191 9.96 4.15 -12.38
C LEU A 191 10.72 5.35 -12.91
N GLU A 192 11.15 6.27 -12.04
CA GLU A 192 11.91 7.41 -12.57
C GLU A 192 13.21 7.01 -13.27
N LYS A 193 13.56 7.79 -14.30
CA LYS A 193 14.86 7.67 -14.95
C LYS A 193 15.17 6.25 -15.36
N LYS A 194 14.33 5.71 -16.24
CA LYS A 194 14.53 4.33 -16.74
C LYS A 194 14.63 4.35 -18.26
N PRO A 195 15.67 3.69 -18.83
CA PRO A 195 15.68 3.49 -20.30
C PRO A 195 14.50 2.62 -20.75
N THR A 196 13.95 2.89 -21.92
CA THR A 196 12.90 2.05 -22.50
C THR A 196 13.54 0.93 -23.33
#